data_2Z6D
#
_entry.id   2Z6D
#
_cell.length_a   32.52
_cell.length_b   66.51
_cell.length_c   56.69
_cell.angle_alpha   90.00
_cell.angle_beta   92.42
_cell.angle_gamma   90.00
#
_symmetry.space_group_name_H-M   'P 1 21 1'
#
loop_
_entity.id
_entity.type
_entity.pdbx_description
1 polymer Phototropin-2
2 non-polymer 'FLAVIN MONONUCLEOTIDE'
3 water water
#
_entity_poly.entity_id   1
_entity_poly.type   'polypeptide(L)'
_entity_poly.pdbx_seq_one_letter_code
;FPRVSQELKTALSTLQQTFVVSDATQPHCPIVYASSGFFTMTGYSSKEIVGRNCRFLQGPDTDKNEVAKIRDCVKNGKSY
CGRLLNYKKDGTPFWNLLTVTPIKDDQGNTIKFIGMQVEVSKYTEGVNDK
;
_entity_poly.pdbx_strand_id   A,B
#
loop_
_chem_comp.id
_chem_comp.type
_chem_comp.name
_chem_comp.formula
FMN non-polymer 'FLAVIN MONONUCLEOTIDE' 'C17 H21 N4 O9 P'
#
# COMPACT_ATOMS: atom_id res chain seq x y z
N GLU A 7 -10.96 3.25 9.89
CA GLU A 7 -11.67 3.57 8.60
C GLU A 7 -10.88 3.08 7.39
N LEU A 8 -9.62 3.51 7.29
CA LEU A 8 -8.63 2.81 6.48
C LEU A 8 -8.55 1.38 7.07
N LYS A 9 -8.45 1.29 8.39
CA LYS A 9 -8.48 -0.02 9.07
C LYS A 9 -9.68 -0.87 8.63
N THR A 10 -10.87 -0.26 8.55
CA THR A 10 -12.12 -0.96 8.12
C THR A 10 -12.07 -1.47 6.67
N ALA A 11 -11.79 -0.58 5.72
CA ALA A 11 -11.61 -0.94 4.31
C ALA A 11 -10.71 -2.19 4.22
N LEU A 12 -9.57 -2.12 4.89
CA LEU A 12 -8.61 -3.23 4.97
C LEU A 12 -9.24 -4.53 5.50
N SER A 13 -9.96 -4.42 6.63
CA SER A 13 -10.66 -5.55 7.21
C SER A 13 -11.76 -6.10 6.27
N THR A 14 -12.45 -5.22 5.55
CA THR A 14 -13.45 -5.69 4.55
C THR A 14 -12.75 -6.58 3.52
N LEU A 15 -11.51 -6.21 3.15
CA LEU A 15 -10.66 -7.00 2.24
C LEU A 15 -10.01 -8.22 2.90
N GLN A 16 -10.33 -8.42 4.18
CA GLN A 16 -9.69 -9.47 5.04
C GLN A 16 -8.16 -9.44 4.95
N GLN A 17 -7.61 -8.23 4.94
CA GLN A 17 -6.20 -8.07 4.70
C GLN A 17 -5.48 -7.94 6.05
N THR A 18 -4.53 -8.82 6.27
CA THR A 18 -3.52 -8.68 7.30
C THR A 18 -2.51 -7.52 7.03
N PHE A 19 -2.27 -6.70 8.03
CA PHE A 19 -1.40 -5.52 7.84
C PHE A 19 -0.83 -5.06 9.16
N VAL A 20 0.28 -4.37 9.05
CA VAL A 20 0.88 -3.63 10.16
C VAL A 20 1.15 -2.20 9.73
N VAL A 21 1.30 -1.36 10.73
CA VAL A 21 1.72 0.04 10.50
C VAL A 21 2.94 0.29 11.36
N SER A 22 3.95 0.88 10.74
CA SER A 22 5.20 1.26 11.39
C SER A 22 5.43 2.77 11.37
N ASP A 23 6.08 3.28 12.39
CA ASP A 23 6.25 4.72 12.52
C ASP A 23 7.66 5.09 12.08
N ALA A 24 7.73 5.70 10.91
CA ALA A 24 9.00 6.10 10.37
C ALA A 24 9.59 7.34 11.09
N THR A 25 8.82 7.96 11.96
CA THR A 25 9.35 9.11 12.73
C THR A 25 10.15 8.69 13.99
N GLN A 26 10.15 7.39 14.26
CA GLN A 26 10.82 6.83 15.46
C GLN A 26 12.00 6.01 14.98
N PRO A 27 13.11 5.98 15.74
CA PRO A 27 14.26 5.20 15.30
C PRO A 27 13.87 3.76 15.07
N HIS A 28 14.41 3.17 14.00
CA HIS A 28 14.25 1.75 13.66
C HIS A 28 12.82 1.37 13.22
N CYS A 29 11.96 2.36 12.98
CA CYS A 29 10.68 2.12 12.33
C CYS A 29 9.81 1.08 13.03
N PRO A 30 9.47 1.32 14.31
CA PRO A 30 8.78 0.26 15.04
C PRO A 30 7.32 0.08 14.61
N ILE A 31 6.84 -1.17 14.67
CA ILE A 31 5.41 -1.45 14.51
C ILE A 31 4.62 -0.67 15.57
N VAL A 32 3.60 0.07 15.12
CA VAL A 32 2.73 0.76 16.04
C VAL A 32 1.32 0.16 16.10
N TYR A 33 0.99 -0.69 15.14
CA TYR A 33 -0.35 -1.27 15.06
C TYR A 33 -0.21 -2.54 14.25
N ALA A 34 -0.83 -3.62 14.71
CA ALA A 34 -0.94 -4.84 13.88
C ALA A 34 -2.36 -5.33 13.90
N SER A 35 -2.86 -5.69 12.72
CA SER A 35 -4.26 -6.13 12.59
C SER A 35 -4.46 -7.51 13.23
N SER A 36 -5.70 -7.89 13.51
CA SER A 36 -5.87 -9.20 14.13
C SER A 36 -5.35 -10.38 13.24
N GLY A 37 -5.43 -10.25 11.92
CA GLY A 37 -4.91 -11.30 11.03
C GLY A 37 -3.41 -11.57 11.17
N PHE A 38 -2.67 -10.56 11.58
CA PHE A 38 -1.24 -10.68 11.80
C PHE A 38 -0.90 -11.70 12.92
N PHE A 39 -1.65 -11.69 14.02
CA PHE A 39 -1.53 -12.80 14.98
C PHE A 39 -1.94 -14.12 14.39
N THR A 40 -3.09 -14.18 13.78
CA THR A 40 -3.51 -15.42 13.16
C THR A 40 -2.42 -15.99 12.21
N MET A 41 -1.89 -15.14 11.34
CA MET A 41 -0.90 -15.60 10.38
C MET A 41 0.40 -15.98 11.08
N THR A 42 0.90 -15.16 12.00
CA THR A 42 2.30 -15.30 12.46
C THR A 42 2.40 -16.07 13.77
N GLY A 43 1.28 -16.16 14.49
CA GLY A 43 1.29 -16.70 15.87
C GLY A 43 1.82 -15.75 16.95
N TYR A 44 2.18 -14.53 16.57
CA TYR A 44 2.70 -13.55 17.55
C TYR A 44 1.55 -12.62 18.00
N SER A 45 1.43 -12.40 19.31
CA SER A 45 0.47 -11.42 19.84
C SER A 45 0.96 -9.98 19.67
N SER A 46 0.03 -9.03 19.61
CA SER A 46 0.40 -7.61 19.70
C SER A 46 1.35 -7.27 20.88
N LYS A 47 1.25 -7.99 22.00
CA LYS A 47 2.19 -7.81 23.12
C LYS A 47 3.65 -8.16 22.74
N GLU A 48 3.81 -9.11 21.82
CA GLU A 48 5.12 -9.57 21.36
C GLU A 48 5.70 -8.71 20.24
N ILE A 49 4.82 -8.03 19.51
CA ILE A 49 5.21 -7.39 18.26
C ILE A 49 5.14 -5.84 18.27
N VAL A 50 4.15 -5.25 18.95
CA VAL A 50 4.01 -3.75 18.93
C VAL A 50 5.25 -3.11 19.56
N GLY A 51 5.84 -2.14 18.87
CA GLY A 51 7.06 -1.47 19.33
C GLY A 51 8.32 -2.13 18.80
N ARG A 52 8.16 -3.22 18.04
CA ARG A 52 9.33 -3.88 17.45
C ARG A 52 9.38 -3.68 15.96
N ASN A 53 10.53 -3.96 15.38
CA ASN A 53 10.62 -4.01 13.93
C ASN A 53 10.17 -5.39 13.41
N CYS A 54 9.49 -5.44 12.28
CA CYS A 54 9.01 -6.71 11.69
C CYS A 54 10.06 -7.74 11.23
N ARG A 55 11.34 -7.37 11.31
CA ARG A 55 12.43 -8.30 10.92
C ARG A 55 12.48 -9.61 11.70
N PHE A 56 11.82 -9.63 12.85
CA PHE A 56 11.73 -10.87 13.65
C PHE A 56 11.06 -12.06 12.88
N LEU A 57 10.30 -11.77 11.86
CA LEU A 57 9.68 -12.82 11.03
C LEU A 57 10.68 -13.52 10.11
N GLN A 58 11.85 -12.93 9.96
CA GLN A 58 12.89 -13.52 9.08
C GLN A 58 13.64 -14.67 9.78
N GLY A 59 14.36 -15.48 9.02
CA GLY A 59 15.19 -16.50 9.66
C GLY A 59 16.22 -17.05 8.71
N PRO A 60 16.74 -18.26 9.02
CA PRO A 60 17.95 -18.82 8.38
C PRO A 60 17.95 -18.79 6.86
N ASP A 61 16.86 -19.20 6.22
CA ASP A 61 16.81 -19.25 4.74
C ASP A 61 16.14 -18.07 4.02
N THR A 62 15.71 -17.04 4.77
CA THR A 62 15.22 -15.79 4.14
C THR A 62 16.27 -15.26 3.19
N ASP A 63 15.86 -14.90 1.96
CA ASP A 63 16.77 -14.32 0.96
C ASP A 63 17.32 -12.95 1.39
N LYS A 64 18.59 -12.89 1.83
CA LYS A 64 19.16 -11.61 2.30
C LYS A 64 19.20 -10.52 1.23
N ASN A 65 19.19 -10.93 -0.04
CA ASN A 65 19.13 -9.97 -1.15
C ASN A 65 17.75 -9.36 -1.27
N GLU A 66 16.71 -10.13 -0.95
CA GLU A 66 15.35 -9.56 -0.93
C GLU A 66 15.18 -8.61 0.25
N VAL A 67 15.63 -9.04 1.42
CA VAL A 67 15.62 -8.20 2.64
C VAL A 67 16.33 -6.86 2.37
N ALA A 68 17.45 -6.92 1.62
CA ALA A 68 18.18 -5.72 1.25
C ALA A 68 17.31 -4.80 0.38
N LYS A 69 16.54 -5.36 -0.55
CA LYS A 69 15.62 -4.52 -1.33
C LYS A 69 14.57 -3.85 -0.46
N ILE A 70 14.02 -4.57 0.53
CA ILE A 70 13.08 -3.93 1.43
C ILE A 70 13.75 -2.78 2.17
N ARG A 71 14.95 -3.01 2.70
CA ARG A 71 15.71 -2.03 3.43
C ARG A 71 15.89 -0.75 2.63
N ASP A 72 16.26 -0.92 1.38
CA ASP A 72 16.55 0.22 0.51
C ASP A 72 15.27 1.02 0.16
N CYS A 73 14.16 0.33 0.03
CA CYS A 73 12.88 1.04 -0.07
C CYS A 73 12.53 1.77 1.20
N VAL A 74 12.52 1.09 2.34
CA VAL A 74 12.20 1.72 3.63
C VAL A 74 13.11 2.95 3.90
N LYS A 75 14.40 2.80 3.67
CA LYS A 75 15.33 3.86 3.95
C LYS A 75 15.10 5.05 3.05
N ASN A 76 14.59 4.81 1.85
CA ASN A 76 14.38 5.90 0.91
C ASN A 76 12.95 6.40 0.73
N GLY A 77 12.07 5.97 1.63
CA GLY A 77 10.63 6.28 1.58
C GLY A 77 9.90 5.89 0.30
N LYS A 78 10.19 4.70 -0.23
CA LYS A 78 9.53 4.18 -1.42
C LYS A 78 8.84 2.84 -1.20
N SER A 79 8.10 2.41 -2.22
CA SER A 79 7.27 1.24 -2.08
C SER A 79 8.04 -0.02 -2.41
N TYR A 80 7.79 -1.06 -1.62
CA TYR A 80 8.28 -2.42 -1.92
C TYR A 80 7.14 -3.39 -2.18
N CYS A 81 7.40 -4.33 -3.08
CA CYS A 81 6.48 -5.42 -3.38
C CYS A 81 7.36 -6.63 -3.66
N GLY A 82 7.10 -7.74 -3.00
CA GLY A 82 7.87 -8.96 -3.26
C GLY A 82 7.42 -10.12 -2.43
N ARG A 83 8.16 -11.21 -2.55
CA ARG A 83 7.82 -12.42 -1.83
C ARG A 83 9.06 -12.89 -1.07
N LEU A 84 8.90 -13.19 0.22
CA LEU A 84 10.05 -13.70 0.97
C LEU A 84 9.63 -14.73 2.00
N LEU A 85 10.61 -15.50 2.44
CA LEU A 85 10.42 -16.57 3.36
C LEU A 85 10.43 -15.97 4.75
N ASN A 86 9.37 -16.27 5.50
CA ASN A 86 9.21 -15.81 6.90
C ASN A 86 8.88 -17.00 7.79
N TYR A 87 8.94 -16.75 9.09
CA TYR A 87 8.75 -17.83 10.06
C TYR A 87 7.76 -17.44 11.12
N LYS A 88 6.87 -18.38 11.43
CA LYS A 88 5.87 -18.14 12.48
C LYS A 88 6.52 -18.27 13.86
N LYS A 89 5.83 -17.83 14.91
CA LYS A 89 6.34 -17.96 16.28
C LYS A 89 6.81 -19.40 16.56
N ASP A 90 6.05 -20.40 16.11
CA ASP A 90 6.40 -21.81 16.36
C ASP A 90 7.46 -22.40 15.42
N GLY A 91 8.04 -21.54 14.57
CA GLY A 91 9.06 -21.97 13.64
C GLY A 91 8.61 -22.31 12.23
N THR A 92 7.29 -22.44 12.04
CA THR A 92 6.73 -22.83 10.74
C THR A 92 7.21 -21.87 9.62
N PRO A 93 7.85 -22.42 8.56
CA PRO A 93 8.16 -21.47 7.46
C PRO A 93 6.92 -21.18 6.60
N PHE A 94 6.84 -19.97 6.08
CA PHE A 94 5.74 -19.60 5.16
C PHE A 94 6.22 -18.64 4.11
N TRP A 95 5.63 -18.69 2.94
CA TRP A 95 5.89 -17.63 1.95
C TRP A 95 5.00 -16.41 2.24
N ASN A 96 5.64 -15.27 2.42
CA ASN A 96 4.94 -14.00 2.68
C ASN A 96 4.99 -13.11 1.41
N LEU A 97 3.84 -12.92 0.80
CA LEU A 97 3.67 -11.99 -0.29
C LEU A 97 3.46 -10.66 0.36
N LEU A 98 4.49 -9.82 0.33
CA LEU A 98 4.56 -8.62 1.17
C LEU A 98 4.56 -7.35 0.31
N THR A 99 3.73 -6.38 0.70
CA THR A 99 3.94 -4.99 0.29
C THR A 99 4.30 -4.12 1.49
N VAL A 100 5.15 -3.13 1.21
CA VAL A 100 5.49 -2.09 2.17
C VAL A 100 5.34 -0.76 1.44
N THR A 101 4.46 0.09 1.98
CA THR A 101 4.04 1.30 1.29
C THR A 101 4.20 2.51 2.19
N PRO A 102 4.96 3.52 1.72
CA PRO A 102 5.14 4.75 2.55
C PRO A 102 3.86 5.56 2.64
N ILE A 103 3.64 6.11 3.82
CA ILE A 103 2.59 7.11 4.06
C ILE A 103 3.33 8.43 4.28
N LYS A 104 2.94 9.42 3.50
CA LYS A 104 3.64 10.69 3.46
C LYS A 104 2.83 11.82 4.03
N ASP A 105 3.48 12.82 4.64
CA ASP A 105 2.79 14.10 4.92
C ASP A 105 2.77 15.04 3.69
N ASP A 106 2.08 16.17 3.84
CA ASP A 106 1.95 17.13 2.74
C ASP A 106 3.23 17.88 2.34
N GLN A 107 4.35 17.63 3.03
CA GLN A 107 5.67 18.07 2.52
C GLN A 107 6.45 16.98 1.79
N GLY A 108 5.86 15.79 1.64
CA GLY A 108 6.59 14.69 1.00
C GLY A 108 7.47 13.89 1.95
N ASN A 109 7.39 14.20 3.25
CA ASN A 109 8.11 13.38 4.24
C ASN A 109 7.41 12.04 4.53
N THR A 110 8.17 10.94 4.48
CA THR A 110 7.62 9.64 4.84
C THR A 110 7.49 9.56 6.35
N ILE A 111 6.26 9.47 6.84
CA ILE A 111 6.05 9.45 8.29
C ILE A 111 5.65 8.06 8.87
N LYS A 112 5.10 7.17 8.03
CA LYS A 112 4.71 5.83 8.49
C LYS A 112 4.87 4.92 7.29
N PHE A 113 4.83 3.62 7.52
CA PHE A 113 4.65 2.69 6.44
C PHE A 113 3.48 1.79 6.76
N ILE A 114 2.81 1.30 5.74
CA ILE A 114 1.87 0.18 5.93
C ILE A 114 2.39 -1.06 5.21
N GLY A 115 2.45 -2.15 5.94
CA GLY A 115 2.95 -3.45 5.44
C GLY A 115 1.73 -4.36 5.33
N MET A 116 1.54 -4.97 4.18
CA MET A 116 0.40 -5.90 3.99
C MET A 116 0.96 -7.25 3.60
N GLN A 117 0.58 -8.27 4.38
CA GLN A 117 1.13 -9.62 4.25
C GLN A 117 0.05 -10.57 3.78
N VAL A 118 0.43 -11.48 2.90
CA VAL A 118 -0.44 -12.60 2.53
C VAL A 118 0.40 -13.87 2.58
N GLU A 119 -0.08 -14.83 3.37
CA GLU A 119 0.54 -16.17 3.39
C GLU A 119 0.11 -16.96 2.12
N VAL A 120 1.10 -17.34 1.32
CA VAL A 120 0.81 -18.10 0.09
C VAL A 120 0.18 -19.47 0.45
N SER A 121 -0.96 -19.76 -0.17
CA SER A 121 -1.66 -21.03 -0.04
C SER A 121 -0.77 -22.24 -0.35
N LYS A 122 -1.04 -23.33 0.37
CA LYS A 122 -0.40 -24.64 0.14
C LYS A 122 -0.64 -25.23 -1.25
N TYR A 123 -1.67 -24.76 -1.95
CA TYR A 123 -2.03 -25.29 -3.27
C TYR A 123 -1.40 -24.50 -4.42
N THR A 124 -0.65 -23.45 -4.07
CA THR A 124 0.12 -22.68 -5.05
C THR A 124 1.51 -23.32 -5.17
N GLN B 17 -5.86 9.45 6.27
CA GLN B 17 -5.28 9.20 4.93
C GLN B 17 -6.44 9.18 3.92
N THR B 18 -6.27 9.82 2.80
CA THR B 18 -7.24 9.68 1.77
C THR B 18 -6.86 8.51 0.86
N PHE B 19 -7.86 7.75 0.42
CA PHE B 19 -7.54 6.58 -0.39
C PHE B 19 -8.73 6.16 -1.24
N VAL B 20 -8.45 5.27 -2.19
CA VAL B 20 -9.48 4.63 -2.98
C VAL B 20 -9.08 3.17 -3.10
N VAL B 21 -10.09 2.32 -3.30
CA VAL B 21 -9.88 0.92 -3.61
C VAL B 21 -10.47 0.67 -4.98
N SER B 22 -9.68 0.02 -5.85
CA SER B 22 -10.08 -0.40 -7.20
C SER B 22 -10.08 -1.92 -7.29
N ASP B 23 -10.96 -2.47 -8.14
CA ASP B 23 -11.18 -3.90 -8.18
C ASP B 23 -10.49 -4.36 -9.46
N ALA B 24 -9.38 -5.08 -9.30
CA ALA B 24 -8.61 -5.50 -10.45
C ALA B 24 -9.25 -6.72 -11.10
N THR B 25 -10.30 -7.27 -10.47
CA THR B 25 -11.01 -8.42 -11.13
C THR B 25 -12.11 -7.96 -12.09
N GLN B 26 -12.29 -6.64 -12.22
CA GLN B 26 -13.22 -6.02 -13.18
C GLN B 26 -12.42 -5.27 -14.25
N PRO B 27 -12.93 -5.21 -15.48
CA PRO B 27 -12.16 -4.60 -16.58
C PRO B 27 -11.75 -3.17 -16.29
N HIS B 28 -10.49 -2.82 -16.60
CA HIS B 28 -9.95 -1.48 -16.31
C HIS B 28 -10.06 -0.96 -14.87
N CYS B 29 -10.08 -1.87 -13.89
CA CYS B 29 -9.79 -1.48 -12.52
C CYS B 29 -10.64 -0.33 -12.00
N PRO B 30 -11.96 -0.51 -12.01
CA PRO B 30 -12.82 0.56 -11.53
C PRO B 30 -12.69 0.77 -10.02
N ILE B 31 -12.84 2.02 -9.58
CA ILE B 31 -12.98 2.36 -8.16
C ILE B 31 -14.22 1.67 -7.59
N VAL B 32 -14.05 1.00 -6.45
CA VAL B 32 -15.17 0.43 -5.71
C VAL B 32 -15.35 1.10 -4.36
N TYR B 33 -14.35 1.85 -3.91
CA TYR B 33 -14.46 2.59 -2.64
C TYR B 33 -13.62 3.85 -2.67
N ALA B 34 -14.26 4.98 -2.32
CA ALA B 34 -13.50 6.23 -2.12
C ALA B 34 -13.67 6.73 -0.67
N SER B 35 -12.56 7.03 0.00
CA SER B 35 -12.63 7.52 1.36
C SER B 35 -13.21 8.95 1.40
N SER B 36 -13.71 9.35 2.56
CA SER B 36 -14.27 10.70 2.70
C SER B 36 -13.20 11.75 2.34
N GLY B 37 -11.94 11.45 2.60
CA GLY B 37 -10.88 12.40 2.29
C GLY B 37 -10.64 12.57 0.80
N PHE B 38 -10.96 11.57 -0.01
CA PHE B 38 -10.82 11.70 -1.46
C PHE B 38 -11.78 12.79 -1.95
N PHE B 39 -13.00 12.77 -1.40
CA PHE B 39 -13.99 13.78 -1.77
C PHE B 39 -13.51 15.16 -1.33
N THR B 40 -13.11 15.24 -0.07
CA THR B 40 -12.54 16.44 0.51
C THR B 40 -11.38 16.99 -0.35
N MET B 41 -10.44 16.12 -0.76
CA MET B 41 -9.32 16.53 -1.63
C MET B 41 -9.71 16.95 -3.04
N THR B 42 -10.60 16.21 -3.70
CA THR B 42 -10.72 16.32 -5.14
C THR B 42 -12.02 17.02 -5.57
N GLY B 43 -12.99 17.08 -4.66
CA GLY B 43 -14.27 17.69 -5.01
C GLY B 43 -15.26 16.74 -5.65
N TYR B 44 -14.79 15.59 -6.15
CA TYR B 44 -15.65 14.58 -6.78
C TYR B 44 -16.33 13.75 -5.73
N SER B 45 -17.63 13.46 -5.92
CA SER B 45 -18.39 12.65 -4.94
C SER B 45 -18.21 11.17 -5.20
N SER B 46 -18.47 10.38 -4.16
CA SER B 46 -18.47 8.93 -4.28
C SER B 46 -19.47 8.42 -5.35
N LYS B 47 -20.60 9.09 -5.54
CA LYS B 47 -21.53 8.69 -6.59
C LYS B 47 -21.04 9.11 -7.99
N GLU B 48 -20.18 10.12 -8.03
CA GLU B 48 -19.62 10.54 -9.31
C GLU B 48 -18.55 9.61 -9.84
N ILE B 49 -17.83 8.92 -8.96
CA ILE B 49 -16.60 8.24 -9.36
C ILE B 49 -16.50 6.72 -9.16
N VAL B 50 -17.33 6.15 -8.29
CA VAL B 50 -17.39 4.68 -8.14
C VAL B 50 -17.79 4.09 -9.50
N GLY B 51 -17.08 3.06 -9.92
CA GLY B 51 -17.34 2.46 -11.23
C GLY B 51 -16.44 3.02 -12.31
N ARG B 52 -15.71 4.08 -11.96
CA ARG B 52 -14.79 4.70 -12.89
C ARG B 52 -13.32 4.43 -12.54
N ASN B 53 -12.48 4.44 -13.57
CA ASN B 53 -11.04 4.46 -13.35
C ASN B 53 -10.59 5.83 -12.81
N CYS B 54 -9.56 5.85 -11.98
CA CYS B 54 -9.05 7.08 -11.37
C CYS B 54 -8.33 8.07 -12.31
N ARG B 55 -8.14 7.68 -13.57
CA ARG B 55 -7.55 8.58 -14.58
C ARG B 55 -8.23 9.94 -14.79
N PHE B 56 -9.48 10.07 -14.36
CA PHE B 56 -10.20 11.35 -14.47
C PHE B 56 -9.50 12.48 -13.70
N LEU B 57 -8.60 12.13 -12.78
CA LEU B 57 -7.83 13.15 -12.07
C LEU B 57 -6.72 13.80 -12.92
N GLN B 58 -6.37 13.21 -14.05
CA GLN B 58 -5.27 13.70 -14.86
C GLN B 58 -5.76 14.81 -15.80
N GLY B 59 -4.86 15.60 -16.35
CA GLY B 59 -5.28 16.65 -17.32
C GLY B 59 -4.14 17.05 -18.24
N PRO B 60 -4.21 18.28 -18.84
CA PRO B 60 -3.31 18.70 -19.92
C PRO B 60 -1.82 18.54 -19.59
N ASP B 61 -1.40 18.97 -18.41
CA ASP B 61 0.02 18.97 -18.02
C ASP B 61 0.54 17.74 -17.22
N THR B 62 -0.34 16.76 -16.94
CA THR B 62 0.10 15.50 -16.31
C THR B 62 1.20 14.83 -17.15
N ASP B 63 2.29 14.41 -16.51
CA ASP B 63 3.40 13.78 -17.19
C ASP B 63 3.00 12.36 -17.67
N LYS B 64 2.94 12.19 -18.99
CA LYS B 64 2.44 10.97 -19.59
C LYS B 64 3.42 9.79 -19.42
N ASN B 65 4.68 10.11 -19.14
CA ASN B 65 5.69 9.09 -18.82
C ASN B 65 5.45 8.53 -17.46
N GLU B 66 4.98 9.37 -16.54
CA GLU B 66 4.69 8.95 -15.21
C GLU B 66 3.41 8.13 -15.24
N VAL B 67 2.46 8.54 -16.07
CA VAL B 67 1.18 7.79 -16.20
C VAL B 67 1.49 6.39 -16.75
N ALA B 68 2.42 6.31 -17.70
CA ALA B 68 2.80 5.05 -18.32
C ALA B 68 3.46 4.10 -17.31
N LYS B 69 4.26 4.66 -16.40
CA LYS B 69 4.83 3.88 -15.28
C LYS B 69 3.74 3.29 -14.39
N ILE B 70 2.72 4.09 -14.06
CA ILE B 70 1.58 3.58 -13.28
C ILE B 70 0.86 2.48 -14.03
N ARG B 71 0.67 2.68 -15.35
CA ARG B 71 -0.05 1.73 -16.19
C ARG B 71 0.68 0.38 -16.17
N ASP B 72 2.01 0.44 -16.37
CA ASP B 72 2.84 -0.77 -16.26
C ASP B 72 2.72 -1.49 -14.89
N CYS B 73 2.77 -0.70 -13.81
CA CYS B 73 2.64 -1.28 -12.46
C CYS B 73 1.33 -1.99 -12.27
N VAL B 74 0.24 -1.30 -12.60
CA VAL B 74 -1.12 -1.82 -12.53
C VAL B 74 -1.28 -3.11 -13.37
N LYS B 75 -0.80 -3.05 -14.61
CA LYS B 75 -0.90 -4.21 -15.52
C LYS B 75 -0.14 -5.44 -14.99
N ASN B 76 0.98 -5.20 -14.34
CA ASN B 76 1.79 -6.28 -13.78
C ASN B 76 1.64 -6.60 -12.29
N GLY B 77 0.62 -6.01 -11.65
CA GLY B 77 0.31 -6.29 -10.24
C GLY B 77 1.45 -5.96 -9.28
N LYS B 78 2.06 -4.79 -9.50
CA LYS B 78 3.16 -4.36 -8.65
C LYS B 78 2.94 -2.94 -8.14
N SER B 79 3.80 -2.51 -7.24
CA SER B 79 3.57 -1.26 -6.52
C SER B 79 4.12 -0.07 -7.27
N TYR B 80 3.37 1.03 -7.25
CA TYR B 80 3.79 2.32 -7.76
C TYR B 80 3.91 3.35 -6.62
N CYS B 81 4.95 4.18 -6.65
CA CYS B 81 5.07 5.35 -5.78
C CYS B 81 5.59 6.49 -6.65
N GLY B 82 4.95 7.67 -6.55
CA GLY B 82 5.45 8.83 -7.30
C GLY B 82 4.62 10.07 -7.12
N ARG B 83 5.01 11.11 -7.84
CA ARG B 83 4.32 12.37 -7.75
C ARG B 83 3.85 12.77 -9.16
N LEU B 84 2.58 13.16 -9.27
CA LEU B 84 2.07 13.58 -10.58
C LEU B 84 1.10 14.73 -10.44
N LEU B 85 0.93 15.49 -11.51
CA LEU B 85 0.02 16.60 -11.47
C LEU B 85 -1.39 16.08 -11.75
N ASN B 86 -2.34 16.45 -10.91
CA ASN B 86 -3.74 16.04 -11.05
C ASN B 86 -4.57 17.32 -10.96
N TYR B 87 -5.88 17.18 -11.16
CA TYR B 87 -6.80 18.32 -11.20
C TYR B 87 -8.05 17.98 -10.44
N LYS B 88 -8.52 18.93 -9.64
CA LYS B 88 -9.75 18.74 -8.88
C LYS B 88 -10.95 18.90 -9.85
N LYS B 89 -12.14 18.55 -9.37
CA LYS B 89 -13.38 18.70 -10.11
C LYS B 89 -13.51 20.11 -10.72
N ASP B 90 -13.13 21.13 -9.94
CA ASP B 90 -13.17 22.53 -10.42
C ASP B 90 -12.02 22.98 -11.35
N GLY B 91 -11.08 22.09 -11.69
CA GLY B 91 -9.96 22.43 -12.56
C GLY B 91 -8.68 22.84 -11.82
N THR B 92 -8.76 22.97 -10.50
CA THR B 92 -7.60 23.30 -9.66
C THR B 92 -6.48 22.27 -9.79
N PRO B 93 -5.29 22.71 -10.24
CA PRO B 93 -4.18 21.78 -10.34
C PRO B 93 -3.58 21.54 -8.95
N PHE B 94 -3.22 20.30 -8.67
CA PHE B 94 -2.49 19.99 -7.44
C PHE B 94 -1.44 18.92 -7.68
N TRP B 95 -0.41 18.91 -6.86
CA TRP B 95 0.56 17.84 -6.85
C TRP B 95 0.08 16.73 -5.93
N ASN B 96 -0.03 15.54 -6.52
CA ASN B 96 -0.58 14.40 -5.84
C ASN B 96 0.61 13.48 -5.59
N LEU B 97 0.92 13.27 -4.32
CA LEU B 97 1.89 12.27 -3.90
C LEU B 97 1.13 10.98 -3.79
N LEU B 98 1.33 10.10 -4.77
CA LEU B 98 0.47 8.91 -4.96
C LEU B 98 1.21 7.58 -4.73
N THR B 99 0.56 6.67 -4.04
CA THR B 99 0.95 5.29 -4.08
C THR B 99 -0.21 4.45 -4.60
N VAL B 100 0.14 3.45 -5.40
CA VAL B 100 -0.81 2.42 -5.76
C VAL B 100 -0.18 1.10 -5.43
N THR B 101 -0.90 0.32 -4.61
CA THR B 101 -0.39 -0.91 -4.03
C THR B 101 -1.31 -2.09 -4.34
N PRO B 102 -0.79 -3.15 -4.97
CA PRO B 102 -1.65 -4.29 -5.26
C PRO B 102 -2.06 -5.03 -4.01
N ILE B 103 -3.29 -5.52 -3.99
CA ILE B 103 -3.77 -6.42 -2.93
C ILE B 103 -3.90 -7.81 -3.55
N LYS B 104 -3.29 -8.82 -2.93
CA LYS B 104 -3.17 -10.11 -3.59
C LYS B 104 -3.96 -11.16 -2.87
N ASP B 105 -4.41 -12.19 -3.59
CA ASP B 105 -4.98 -13.35 -2.91
C ASP B 105 -3.86 -14.36 -2.56
N ASP B 106 -4.21 -15.44 -1.88
CA ASP B 106 -3.18 -16.39 -1.43
C ASP B 106 -2.57 -17.23 -2.56
N GLN B 107 -3.05 -17.03 -3.78
CA GLN B 107 -2.41 -17.64 -4.93
C GLN B 107 -1.50 -16.67 -5.65
N GLY B 108 -1.41 -15.45 -5.13
CA GLY B 108 -0.54 -14.46 -5.76
C GLY B 108 -1.15 -13.65 -6.88
N ASN B 109 -2.46 -13.80 -7.06
CA ASN B 109 -3.22 -13.01 -8.02
C ASN B 109 -3.52 -11.63 -7.44
N THR B 110 -3.38 -10.59 -8.25
CA THR B 110 -3.76 -9.25 -7.83
C THR B 110 -5.25 -9.09 -7.97
N ILE B 111 -5.94 -8.97 -6.84
CA ILE B 111 -7.40 -8.85 -6.89
C ILE B 111 -7.94 -7.43 -6.71
N LYS B 112 -7.20 -6.59 -5.99
CA LYS B 112 -7.57 -5.18 -5.79
C LYS B 112 -6.31 -4.32 -5.81
N PHE B 113 -6.47 -3.00 -5.86
CA PHE B 113 -5.35 -2.09 -5.56
C PHE B 113 -5.84 -1.07 -4.59
N ILE B 114 -4.94 -0.60 -3.73
CA ILE B 114 -5.27 0.55 -2.92
C ILE B 114 -4.41 1.73 -3.38
N GLY B 115 -5.07 2.85 -3.63
CA GLY B 115 -4.33 4.07 -4.06
C GLY B 115 -4.43 5.07 -2.92
N MET B 116 -3.30 5.60 -2.49
CA MET B 116 -3.30 6.58 -1.39
C MET B 116 -2.76 7.91 -1.92
N GLN B 117 -3.50 8.98 -1.70
CA GLN B 117 -3.16 10.28 -2.26
C GLN B 117 -2.83 11.28 -1.16
N VAL B 118 -1.82 12.11 -1.40
CA VAL B 118 -1.54 13.28 -0.51
C VAL B 118 -1.41 14.54 -1.37
N GLU B 119 -2.17 15.59 -1.07
CA GLU B 119 -1.98 16.84 -1.78
C GLU B 119 -0.80 17.60 -1.14
N VAL B 120 0.22 17.89 -1.93
CA VAL B 120 1.41 18.65 -1.49
C VAL B 120 0.91 20.03 -1.06
N SER B 121 1.32 20.49 0.11
CA SER B 121 0.87 21.82 0.60
C SER B 121 1.60 22.97 -0.09
N LYS B 122 1.04 24.18 -0.03
CA LYS B 122 1.60 25.37 -0.74
C LYS B 122 2.94 25.83 -0.18
N TYR B 123 3.18 25.57 1.09
CA TYR B 123 4.41 26.01 1.75
C TYR B 123 5.60 25.09 1.40
N1 FMN C . 9.89 -7.99 6.94
C2 FMN C . 9.53 -9.31 6.87
O2 FMN C . 10.40 -10.16 6.79
N3 FMN C . 8.19 -9.67 6.91
C4 FMN C . 7.20 -8.68 7.05
O4 FMN C . 5.97 -8.98 7.04
C4A FMN C . 7.59 -7.34 7.09
N5 FMN C . 6.64 -6.33 7.19
C5A FMN C . 7.04 -5.02 7.26
C6 FMN C . 6.07 -4.03 7.40
C7 FMN C . 6.43 -2.70 7.43
C7M FMN C . 5.37 -1.63 7.71
C8 FMN C . 7.80 -2.33 7.36
C8M FMN C . 8.24 -0.86 7.36
C9 FMN C . 8.76 -3.33 7.23
C9A FMN C . 8.38 -4.69 7.16
N10 FMN C . 9.33 -5.66 7.07
C10 FMN C . 8.94 -7.01 7.03
C1' FMN C . 10.76 -5.35 6.68
C2' FMN C . 11.65 -5.29 7.90
O2' FMN C . 11.00 -4.59 8.94
C3' FMN C . 12.97 -4.56 7.60
O3' FMN C . 12.63 -3.29 7.08
C4' FMN C . 13.86 -5.37 6.64
O4' FMN C . 14.27 -6.55 7.32
C5' FMN C . 15.08 -4.62 6.08
O5' FMN C . 15.84 -3.92 7.05
P FMN C . 17.00 -4.68 7.92
O1P FMN C . 16.42 -5.86 8.71
O2P FMN C . 17.56 -3.64 8.87
O3P FMN C . 18.04 -5.32 7.02
N1 FMN D . -4.07 8.24 -11.31
C2 FMN D . -4.03 9.55 -10.95
O2 FMN D . -3.70 10.40 -11.79
N3 FMN D . -4.38 9.95 -9.69
C4 FMN D . -4.80 9.07 -8.73
O4 FMN D . -4.89 9.41 -7.54
C4A FMN D . -4.80 7.72 -9.06
N5 FMN D . -5.22 6.81 -8.10
C5A FMN D . -5.26 5.47 -8.42
C6 FMN D . -5.67 4.53 -7.46
C7 FMN D . -5.69 3.16 -7.75
C7M FMN D . -6.31 2.23 -6.72
C8 FMN D . -5.32 2.71 -9.03
C8M FMN D . -5.37 1.24 -9.48
C9 FMN D . -4.94 3.66 -9.98
C9A FMN D . -4.88 5.04 -9.70
N10 FMN D . -4.48 5.97 -10.66
C10 FMN D . -4.46 7.31 -10.35
C1' FMN D . -3.95 5.53 -11.99
C2' FMN D . -5.01 5.49 -13.08
O2' FMN D . -6.25 4.96 -12.59
C3' FMN D . -4.45 4.61 -14.21
O3' FMN D . -3.99 3.36 -13.69
C4' FMN D . -3.33 5.39 -14.97
O4' FMN D . -3.88 6.56 -15.61
C5' FMN D . -2.55 4.53 -15.95
O5' FMN D . -3.34 3.77 -16.84
P FMN D . -3.93 4.41 -18.24
O1P FMN D . -4.82 5.56 -17.79
O2P FMN D . -4.68 3.32 -18.96
O3P FMN D . -2.77 4.98 -19.07
#